data_3ZQT
#
_entry.id   3ZQT
#
_cell.length_a   55.912
_cell.length_b   66.171
_cell.length_c   72.921
_cell.angle_alpha   90.00
_cell.angle_beta   90.00
_cell.angle_gamma   90.00
#
_symmetry.space_group_name_H-M   'P 21 21 21'
#
loop_
_entity.id
_entity.type
_entity.pdbx_description
1 polymer 'ANDROGEN RECEPTOR'
2 non-polymer TESTOSTERONE
3 non-polymer 'SULFATE ION'
4 non-polymer 4-[(2R,3S)-3-[(3,4-DIHYDROXYPHENYL)METHYL]-2-METHYLBUTYL]BENZENE-1,2-DIOL
5 water water
#
_entity_poly.entity_id   1
_entity_poly.type   'polypeptide(L)'
_entity_poly.pdbx_seq_one_letter_code
;IEGYECQPIFLNVLEAIEPGVVCAGHDNNQPDSFAALLSSLNELGERQLVHVVKWAKALPGFRNLHVDDQMAVIQYSWMG
LMVFAMGWRSFTNVNSRMLYFAPDLVFNEYRMHKSRMYSQCVRMRHLSQEFGWLQITPQEFLCMKALLLFSIIPVDGLKN
QKFFDELRMNYIKELDRIIACKRKNPTSCSRRFYQLTKLLDSVQPIARELHQFTFDLLIKSHMVSVDFPEMMAEIISVQV
PKILSGKVKPIYFHTQ
;
_entity_poly.pdbx_strand_id   A
#
# COMPACT_ATOMS: atom_id res chain seq x y z
N GLN A 7 -26.33 -11.68 3.62
CA GLN A 7 -24.96 -11.75 2.97
C GLN A 7 -24.41 -10.35 2.63
N PRO A 8 -23.12 -10.09 2.93
CA PRO A 8 -22.63 -8.75 2.64
C PRO A 8 -22.08 -8.73 1.22
N ILE A 9 -22.77 -8.00 0.36
CA ILE A 9 -22.38 -7.89 -1.04
C ILE A 9 -21.01 -7.24 -1.14
N PHE A 10 -20.79 -6.20 -0.36
CA PHE A 10 -19.52 -5.48 -0.38
C PHE A 10 -18.29 -6.38 -0.11
N LEU A 11 -18.40 -7.27 0.87
CA LEU A 11 -17.32 -8.22 1.17
C LEU A 11 -17.07 -9.25 0.10
N ASN A 12 -18.13 -9.72 -0.54
CA ASN A 12 -18.04 -10.68 -1.63
C ASN A 12 -17.15 -10.13 -2.72
N VAL A 13 -17.25 -8.82 -2.93
CA VAL A 13 -16.57 -8.17 -4.03
C VAL A 13 -15.09 -8.08 -3.76
N LEU A 14 -14.75 -7.60 -2.57
CA LEU A 14 -13.34 -7.42 -2.16
C LEU A 14 -12.63 -8.75 -2.18
N GLU A 15 -13.29 -9.72 -1.53
CA GLU A 15 -12.75 -11.09 -1.46
C GLU A 15 -12.55 -11.65 -2.89
N ALA A 16 -13.51 -11.41 -3.78
CA ALA A 16 -13.40 -11.91 -5.17
C ALA A 16 -12.34 -11.24 -6.02
N ILE A 17 -12.13 -9.94 -5.81
CA ILE A 17 -11.16 -9.17 -6.63
C ILE A 17 -9.70 -9.18 -6.14
N GLU A 18 -9.48 -9.53 -4.88
CA GLU A 18 -8.15 -9.67 -4.31
C GLU A 18 -7.19 -10.39 -5.27
N PRO A 19 -6.03 -9.77 -5.55
CA PRO A 19 -5.11 -10.28 -6.55
C PRO A 19 -4.30 -11.42 -5.99
N GLY A 20 -3.88 -12.33 -6.85
CA GLY A 20 -3.19 -13.51 -6.36
C GLY A 20 -1.73 -13.22 -6.10
N VAL A 21 -0.98 -14.29 -5.93
CA VAL A 21 0.45 -14.27 -5.75
C VAL A 21 1.04 -13.59 -6.96
N VAL A 22 2.04 -12.73 -6.74
CA VAL A 22 2.83 -12.13 -7.83
C VAL A 22 4.30 -12.37 -7.52
N CYS A 23 5.03 -12.91 -8.48
CA CYS A 23 6.42 -13.28 -8.29
C CYS A 23 7.29 -12.16 -8.83
N ALA A 24 8.45 -11.99 -8.18
CA ALA A 24 9.35 -10.91 -8.48
C ALA A 24 10.25 -11.08 -9.72
N GLY A 25 10.57 -12.33 -10.06
CA GLY A 25 11.52 -12.68 -11.13
C GLY A 25 12.98 -12.69 -10.69
N HIS A 26 13.21 -12.66 -9.37
CA HIS A 26 14.57 -12.53 -8.82
C HIS A 26 15.43 -13.78 -9.00
N ASP A 27 16.64 -13.62 -9.56
CA ASP A 27 17.60 -14.74 -9.64
C ASP A 27 18.27 -14.96 -8.28
N ASN A 28 17.68 -15.85 -7.49
CA ASN A 28 18.11 -16.13 -6.12
C ASN A 28 19.49 -16.81 -5.96
N ASN A 29 20.09 -17.26 -7.07
CA ASN A 29 21.46 -17.80 -7.06
C ASN A 29 22.55 -16.76 -7.28
N GLN A 30 22.16 -15.50 -7.33
CA GLN A 30 23.11 -14.38 -7.36
C GLN A 30 23.40 -13.94 -5.93
N PRO A 31 24.58 -13.34 -5.71
CA PRO A 31 24.87 -12.84 -4.36
C PRO A 31 23.93 -11.67 -4.08
N ASP A 32 23.59 -11.51 -2.81
CA ASP A 32 22.63 -10.49 -2.39
C ASP A 32 23.29 -9.09 -2.49
N SER A 33 23.25 -8.47 -3.66
CA SER A 33 23.83 -7.15 -3.80
C SER A 33 22.75 -6.06 -3.84
N PHE A 34 23.13 -4.86 -3.43
CA PHE A 34 22.25 -3.71 -3.52
C PHE A 34 21.61 -3.62 -4.90
N ALA A 35 22.43 -3.59 -5.95
CA ALA A 35 21.92 -3.49 -7.34
C ALA A 35 20.91 -4.59 -7.76
N ALA A 36 21.12 -5.82 -7.34
CA ALA A 36 20.22 -6.92 -7.69
C ALA A 36 18.95 -6.92 -6.84
N LEU A 37 19.10 -6.65 -5.55
CA LEU A 37 17.92 -6.60 -4.67
C LEU A 37 16.94 -5.55 -5.17
N LEU A 38 17.47 -4.38 -5.54
CA LEU A 38 16.65 -3.24 -5.89
C LEU A 38 16.05 -3.33 -7.29
N SER A 39 16.85 -3.76 -8.26
CA SER A 39 16.30 -4.06 -9.60
C SER A 39 15.16 -5.06 -9.54
N SER A 40 15.28 -6.05 -8.65
CA SER A 40 14.20 -6.99 -8.46
C SER A 40 13.00 -6.41 -7.74
N LEU A 41 13.21 -5.68 -6.63
CA LEU A 41 12.10 -4.87 -6.02
C LEU A 41 11.42 -3.96 -7.02
N ASN A 42 12.21 -3.33 -7.88
CA ASN A 42 11.67 -2.50 -8.96
C ASN A 42 10.84 -3.23 -9.99
N GLU A 43 11.35 -4.38 -10.49
CA GLU A 43 10.52 -5.22 -11.42
C GLU A 43 9.28 -5.71 -10.70
N LEU A 44 9.43 -6.01 -9.41
CA LEU A 44 8.30 -6.36 -8.58
C LEU A 44 7.21 -5.29 -8.51
N GLY A 45 7.64 -4.02 -8.47
CA GLY A 45 6.72 -2.89 -8.49
C GLY A 45 5.96 -2.81 -9.80
N GLU A 46 6.68 -2.85 -10.92
CA GLU A 46 6.00 -2.87 -12.23
C GLU A 46 4.90 -3.95 -12.20
N ARG A 47 5.31 -5.20 -11.98
CA ARG A 47 4.34 -6.30 -11.92
C ARG A 47 3.16 -6.05 -10.99
N GLN A 48 3.41 -5.70 -9.73
N GLN A 48 3.42 -5.70 -9.72
CA GLN A 48 2.32 -5.45 -8.79
CA GLN A 48 2.31 -5.47 -8.77
C GLN A 48 1.35 -4.37 -9.31
C GLN A 48 1.38 -4.34 -9.25
N LEU A 49 1.88 -3.46 -10.12
CA LEU A 49 1.17 -2.24 -10.54
C LEU A 49 0.08 -2.56 -11.55
N VAL A 50 0.40 -3.50 -12.44
CA VAL A 50 -0.55 -4.04 -13.38
C VAL A 50 -1.79 -4.55 -12.66
N HIS A 51 -1.58 -5.31 -11.60
CA HIS A 51 -2.68 -5.87 -10.80
C HIS A 51 -3.44 -4.82 -10.07
N VAL A 52 -2.71 -3.95 -9.37
CA VAL A 52 -3.32 -2.84 -8.64
C VAL A 52 -4.31 -2.09 -9.54
N VAL A 53 -3.87 -1.73 -10.75
CA VAL A 53 -4.75 -1.07 -11.69
C VAL A 53 -6.03 -1.90 -11.91
N LYS A 54 -5.89 -3.20 -12.21
CA LYS A 54 -7.06 -4.08 -12.49
C LYS A 54 -7.92 -4.22 -11.25
N TRP A 55 -7.28 -4.40 -10.10
CA TRP A 55 -8.01 -4.45 -8.84
C TRP A 55 -8.82 -3.16 -8.53
N ALA A 56 -8.15 -2.01 -8.58
CA ALA A 56 -8.82 -0.73 -8.30
C ALA A 56 -10.08 -0.51 -9.18
N LYS A 57 -9.94 -0.74 -10.49
CA LYS A 57 -11.04 -0.54 -11.46
C LYS A 57 -12.30 -1.39 -11.18
N ALA A 58 -12.12 -2.52 -10.51
CA ALA A 58 -13.21 -3.43 -10.19
C ALA A 58 -13.78 -3.18 -8.80
N LEU A 59 -13.31 -2.12 -8.12
CA LEU A 59 -13.75 -1.84 -6.77
C LEU A 59 -15.16 -1.24 -6.86
N PRO A 60 -16.05 -1.53 -5.91
CA PRO A 60 -17.39 -0.92 -6.04
C PRO A 60 -17.36 0.64 -6.02
N GLY A 61 -17.89 1.26 -7.07
CA GLY A 61 -18.00 2.73 -7.14
C GLY A 61 -16.82 3.40 -7.84
N PHE A 62 -15.72 2.70 -7.98
CA PHE A 62 -14.52 3.31 -8.51
C PHE A 62 -14.68 3.95 -9.87
N ARG A 63 -15.43 3.35 -10.78
CA ARG A 63 -15.56 3.91 -12.11
C ARG A 63 -16.54 5.09 -12.14
N ASN A 64 -17.12 5.38 -11.00
CA ASN A 64 -17.91 6.56 -10.87
C ASN A 64 -17.07 7.81 -10.74
N LEU A 65 -15.83 7.66 -10.31
CA LEU A 65 -14.91 8.76 -10.32
C LEU A 65 -14.59 9.12 -11.71
N HIS A 66 -14.32 10.39 -11.93
CA HIS A 66 -13.85 10.84 -13.19
C HIS A 66 -12.60 10.09 -13.57
N VAL A 67 -12.37 9.95 -14.87
CA VAL A 67 -11.34 9.09 -15.42
C VAL A 67 -9.88 9.50 -15.13
N ASP A 68 -9.62 10.81 -15.03
CA ASP A 68 -8.26 11.30 -14.74
C ASP A 68 -7.98 11.14 -13.25
N ASP A 69 -9.02 11.30 -12.45
CA ASP A 69 -8.99 11.01 -11.03
C ASP A 69 -8.85 9.51 -10.73
N GLN A 70 -9.23 8.65 -11.66
CA GLN A 70 -9.06 7.21 -11.43
C GLN A 70 -7.56 6.92 -11.43
N MET A 71 -6.86 7.39 -12.47
CA MET A 71 -5.43 7.17 -12.53
C MET A 71 -4.60 7.94 -11.50
N ALA A 72 -5.02 9.17 -11.18
CA ALA A 72 -4.31 9.98 -10.18
C ALA A 72 -4.25 9.28 -8.83
N VAL A 73 -5.39 8.84 -8.31
CA VAL A 73 -5.40 8.11 -7.06
C VAL A 73 -4.55 6.83 -7.03
N ILE A 74 -4.58 6.07 -8.12
CA ILE A 74 -3.74 4.89 -8.23
C ILE A 74 -2.26 5.29 -8.24
N GLN A 75 -1.96 6.41 -8.90
CA GLN A 75 -0.60 6.80 -9.11
C GLN A 75 -0.10 7.44 -7.81
N TYR A 76 -1.00 7.97 -7.00
CA TYR A 76 -0.54 8.53 -5.75
C TYR A 76 -0.39 7.48 -4.67
N SER A 77 -1.25 6.50 -4.66
CA SER A 77 -1.34 5.65 -3.48
C SER A 77 -0.73 4.27 -3.58
N TRP A 78 -0.11 3.91 -4.70
CA TRP A 78 0.35 2.53 -4.85
C TRP A 78 1.33 2.10 -3.78
N MET A 79 2.22 3.00 -3.35
CA MET A 79 3.23 2.66 -2.35
C MET A 79 2.56 2.14 -1.11
N GLY A 80 1.69 2.94 -0.52
CA GLY A 80 0.98 2.53 0.69
C GLY A 80 0.24 1.23 0.54
N LEU A 81 -0.48 1.07 -0.58
CA LEU A 81 -1.30 -0.10 -0.79
C LEU A 81 -0.43 -1.33 -0.85
N MET A 82 0.65 -1.29 -1.64
CA MET A 82 1.56 -2.42 -1.73
C MET A 82 2.32 -2.71 -0.43
N VAL A 83 2.74 -1.66 0.27
CA VAL A 83 3.42 -1.88 1.54
C VAL A 83 2.51 -2.61 2.54
N PHE A 84 1.26 -2.16 2.63
CA PHE A 84 0.24 -2.81 3.44
C PHE A 84 -0.01 -4.28 3.07
N ALA A 85 -0.11 -4.54 1.76
CA ALA A 85 -0.45 -5.88 1.31
C ALA A 85 0.71 -6.76 1.75
N MET A 86 1.91 -6.28 1.45
CA MET A 86 3.14 -6.99 1.77
C MET A 86 3.25 -7.26 3.27
N GLY A 87 2.82 -6.33 4.11
CA GLY A 87 2.82 -6.55 5.55
C GLY A 87 1.91 -7.72 5.87
N TRP A 88 0.71 -7.74 5.26
CA TRP A 88 -0.21 -8.83 5.47
C TRP A 88 0.35 -10.17 5.04
N ARG A 89 1.00 -10.23 3.86
CA ARG A 89 1.65 -11.45 3.33
C ARG A 89 2.77 -11.91 4.24
N SER A 90 3.44 -10.96 4.88
CA SER A 90 4.50 -11.27 5.80
C SER A 90 3.93 -11.90 7.06
N PHE A 91 2.80 -11.39 7.51
CA PHE A 91 2.22 -11.88 8.74
C PHE A 91 1.63 -13.29 8.55
N THR A 92 0.87 -13.47 7.47
CA THR A 92 0.20 -14.73 7.16
C THR A 92 1.15 -15.88 6.79
N ASN A 93 2.29 -15.59 6.15
CA ASN A 93 3.20 -16.65 5.68
C ASN A 93 4.32 -16.99 6.65
N VAL A 94 5.01 -15.96 7.14
CA VAL A 94 6.15 -16.21 8.01
C VAL A 94 6.07 -15.46 9.34
N ASN A 95 4.85 -15.27 9.86
CA ASN A 95 4.62 -14.64 11.18
C ASN A 95 5.44 -13.37 11.45
N SER A 96 5.68 -12.61 10.39
CA SER A 96 6.40 -11.32 10.46
C SER A 96 7.86 -11.44 10.89
N ARG A 97 8.45 -12.62 10.68
CA ARG A 97 9.88 -12.84 10.93
C ARG A 97 10.74 -12.08 9.89
N MET A 98 10.39 -12.25 8.61
CA MET A 98 11.10 -11.61 7.50
C MET A 98 10.12 -10.78 6.72
N LEU A 99 10.58 -10.13 5.65
CA LEU A 99 9.68 -9.41 4.72
C LEU A 99 9.41 -10.23 3.46
N TYR A 100 8.15 -10.59 3.28
CA TYR A 100 7.72 -11.50 2.23
C TYR A 100 7.30 -10.74 0.98
N PHE A 101 8.28 -10.15 0.33
CA PHE A 101 7.95 -9.29 -0.78
C PHE A 101 7.24 -10.09 -1.87
N ALA A 102 7.84 -11.19 -2.29
CA ALA A 102 7.28 -12.12 -3.28
C ALA A 102 7.78 -13.54 -2.92
N PRO A 103 7.04 -14.63 -3.28
CA PRO A 103 7.54 -15.96 -2.85
C PRO A 103 9.02 -16.19 -3.23
N ASP A 104 9.47 -15.59 -4.31
CA ASP A 104 10.90 -15.60 -4.70
C ASP A 104 11.83 -14.54 -4.07
N LEU A 105 11.31 -13.62 -3.27
CA LEU A 105 12.12 -12.52 -2.69
C LEU A 105 11.66 -12.21 -1.29
N VAL A 106 12.16 -13.03 -0.37
CA VAL A 106 11.93 -12.91 1.04
C VAL A 106 13.18 -12.27 1.59
N PHE A 107 13.03 -11.17 2.32
CA PHE A 107 14.19 -10.49 2.87
C PHE A 107 14.43 -11.04 4.26
N ASN A 108 15.59 -11.65 4.44
CA ASN A 108 16.18 -11.89 5.74
C ASN A 108 16.92 -10.63 6.22
N GLU A 109 17.43 -10.67 7.46
CA GLU A 109 18.15 -9.52 8.05
C GLU A 109 19.29 -9.05 7.16
N TYR A 110 19.93 -10.01 6.52
CA TYR A 110 21.05 -9.71 5.66
C TYR A 110 20.59 -8.97 4.39
N ARG A 111 19.54 -9.43 3.73
CA ARG A 111 18.96 -8.66 2.60
C ARG A 111 18.55 -7.23 3.00
N MET A 112 18.00 -7.10 4.20
CA MET A 112 17.63 -5.80 4.75
C MET A 112 18.78 -4.83 4.80
N HIS A 113 19.93 -5.34 5.27
CA HIS A 113 21.17 -4.57 5.29
C HIS A 113 21.71 -4.30 3.90
N LYS A 114 21.75 -5.32 3.04
CA LYS A 114 22.26 -5.13 1.67
C LYS A 114 21.45 -4.19 0.77
N SER A 115 20.13 -4.15 0.99
CA SER A 115 19.22 -3.28 0.22
C SER A 115 19.47 -1.83 0.58
N ARG A 116 20.07 -1.67 1.77
CA ARG A 116 20.43 -0.38 2.32
C ARG A 116 19.14 0.32 2.75
N MET A 117 18.12 -0.44 3.11
CA MET A 117 16.94 0.19 3.69
C MET A 117 16.61 -0.43 5.02
N TYR A 118 17.65 -0.77 5.76
CA TYR A 118 17.43 -1.51 6.99
C TYR A 118 16.35 -0.79 7.82
N SER A 119 16.45 0.53 7.96
CA SER A 119 15.49 1.26 8.83
C SER A 119 14.04 1.28 8.29
N GLN A 120 13.89 1.42 6.98
CA GLN A 120 12.54 1.32 6.41
C GLN A 120 11.94 -0.09 6.59
N CYS A 121 12.76 -1.11 6.33
CA CYS A 121 12.34 -2.50 6.51
C CYS A 121 12.01 -2.75 7.97
N VAL A 122 12.81 -2.17 8.88
CA VAL A 122 12.42 -2.30 10.29
C VAL A 122 11.01 -1.72 10.55
N ARG A 123 10.72 -0.54 10.00
CA ARG A 123 9.36 0.04 10.10
C ARG A 123 8.32 -0.86 9.40
N MET A 124 8.64 -1.30 8.19
CA MET A 124 7.73 -2.21 7.48
C MET A 124 7.42 -3.48 8.24
N ARG A 125 8.41 -3.99 8.99
CA ARG A 125 8.24 -5.19 9.80
C ARG A 125 7.37 -4.91 11.01
N HIS A 126 7.59 -3.79 11.72
CA HIS A 126 6.70 -3.42 12.85
C HIS A 126 5.26 -3.39 12.39
N LEU A 127 5.06 -2.79 11.22
CA LEU A 127 3.76 -2.77 10.56
C LEU A 127 3.18 -4.18 10.43
N SER A 128 3.91 -5.10 9.83
CA SER A 128 3.40 -6.47 9.66
C SER A 128 3.04 -7.13 10.99
N GLN A 129 3.86 -6.91 12.02
CA GLN A 129 3.59 -7.44 13.37
C GLN A 129 2.30 -6.88 13.93
N GLU A 130 1.98 -5.64 13.57
CA GLU A 130 0.73 -5.07 14.06
C GLU A 130 -0.50 -5.91 13.68
N PHE A 131 -0.53 -6.48 12.47
CA PHE A 131 -1.61 -7.40 12.09
C PHE A 131 -1.81 -8.51 13.11
N GLY A 132 -0.70 -9.05 13.61
CA GLY A 132 -0.74 -10.04 14.67
C GLY A 132 -1.17 -9.45 15.98
N TRP A 133 -0.44 -8.45 16.44
CA TRP A 133 -0.75 -7.79 17.72
C TRP A 133 -2.19 -7.33 17.77
N LEU A 134 -2.70 -6.75 16.68
CA LEU A 134 -4.08 -6.28 16.65
C LEU A 134 -5.10 -7.36 16.30
N GLN A 135 -4.64 -8.51 15.83
CA GLN A 135 -5.56 -9.62 15.49
C GLN A 135 -6.53 -9.23 14.37
N ILE A 136 -5.98 -8.59 13.34
CA ILE A 136 -6.75 -8.18 12.17
C ILE A 136 -7.32 -9.37 11.42
N THR A 137 -8.62 -9.31 11.08
CA THR A 137 -9.23 -10.34 10.26
C THR A 137 -9.02 -10.06 8.77
N PRO A 138 -9.05 -11.11 7.91
CA PRO A 138 -8.99 -10.80 6.48
C PRO A 138 -10.09 -9.82 6.00
N GLN A 139 -11.21 -9.77 6.68
CA GLN A 139 -12.26 -8.87 6.28
C GLN A 139 -11.85 -7.40 6.52
N GLU A 140 -11.32 -7.16 7.72
CA GLU A 140 -10.78 -5.88 8.10
C GLU A 140 -9.62 -5.52 7.21
N PHE A 141 -8.74 -6.48 6.92
CA PHE A 141 -7.59 -6.18 6.08
C PHE A 141 -8.06 -5.67 4.73
N LEU A 142 -9.03 -6.35 4.15
CA LEU A 142 -9.48 -6.05 2.79
C LEU A 142 -10.10 -4.66 2.74
N CYS A 143 -10.99 -4.34 3.69
N CYS A 143 -10.95 -4.34 3.73
CA CYS A 143 -11.62 -3.02 3.67
CA CYS A 143 -11.65 -3.05 3.81
C CYS A 143 -10.63 -1.91 3.99
C CYS A 143 -10.71 -1.90 4.13
N MET A 144 -9.61 -2.21 4.80
CA MET A 144 -8.59 -1.22 5.10
C MET A 144 -7.74 -0.92 3.87
N LYS A 145 -7.43 -1.97 3.12
CA LYS A 145 -6.66 -1.83 1.90
C LYS A 145 -7.42 -1.02 0.84
N ALA A 146 -8.73 -1.18 0.75
CA ALA A 146 -9.47 -0.39 -0.22
C ALA A 146 -9.48 1.09 0.22
N LEU A 147 -9.75 1.32 1.50
CA LEU A 147 -9.61 2.60 2.15
C LEU A 147 -8.26 3.26 1.92
N LEU A 148 -7.19 2.47 1.87
CA LEU A 148 -5.93 3.04 1.52
C LEU A 148 -5.89 3.62 0.12
N LEU A 149 -6.66 3.09 -0.82
CA LEU A 149 -6.59 3.66 -2.19
C LEU A 149 -7.13 5.10 -2.16
N PHE A 150 -7.89 5.44 -1.11
CA PHE A 150 -8.56 6.75 -1.02
C PHE A 150 -7.99 7.66 0.07
N SER A 151 -6.70 7.52 0.36
CA SER A 151 -6.12 8.20 1.48
C SER A 151 -4.99 9.16 1.10
N ILE A 152 -4.88 9.54 -0.17
CA ILE A 152 -3.90 10.55 -0.59
C ILE A 152 -4.35 11.29 -1.86
N ILE A 153 -4.32 12.62 -1.82
CA ILE A 153 -4.90 13.47 -2.88
C ILE A 153 -4.24 14.84 -2.93
N PRO A 154 -4.26 15.52 -4.10
CA PRO A 154 -3.69 16.88 -4.21
C PRO A 154 -4.39 17.86 -3.30
N VAL A 155 -3.65 18.83 -2.78
CA VAL A 155 -4.27 19.85 -1.93
C VAL A 155 -5.18 20.75 -2.72
N ASP A 156 -5.00 20.86 -4.05
CA ASP A 156 -6.02 21.61 -4.80
C ASP A 156 -7.30 20.83 -5.04
N GLY A 157 -7.27 19.55 -4.68
CA GLY A 157 -8.40 18.64 -4.87
C GLY A 157 -8.32 17.94 -6.21
N LEU A 158 -9.22 17.00 -6.41
CA LEU A 158 -9.33 16.30 -7.67
C LEU A 158 -10.27 17.01 -8.66
N LYS A 159 -10.23 16.54 -9.92
CA LYS A 159 -11.12 17.01 -10.99
C LYS A 159 -12.57 17.05 -10.53
N ASN A 160 -13.02 15.97 -9.89
N ASN A 160 -13.12 15.93 -10.04
CA ASN A 160 -14.37 15.86 -9.29
CA ASN A 160 -14.32 16.05 -9.22
C ASN A 160 -14.33 15.52 -7.79
C ASN A 160 -14.10 15.49 -7.85
N GLN A 161 -13.79 16.41 -6.95
CA GLN A 161 -13.60 16.13 -5.53
C GLN A 161 -14.85 15.60 -4.84
N LYS A 162 -16.01 16.03 -5.30
CA LYS A 162 -17.29 15.67 -4.71
C LYS A 162 -17.50 14.16 -4.74
N PHE A 163 -17.32 13.58 -5.92
CA PHE A 163 -17.43 12.14 -6.11
C PHE A 163 -16.49 11.38 -5.18
N PHE A 164 -15.25 11.84 -5.11
CA PHE A 164 -14.26 11.23 -4.26
C PHE A 164 -14.66 11.15 -2.78
N ASP A 165 -15.14 12.27 -2.26
CA ASP A 165 -15.55 12.36 -0.85
C ASP A 165 -16.70 11.40 -0.48
N GLU A 166 -17.70 11.33 -1.36
CA GLU A 166 -18.76 10.33 -1.28
C GLU A 166 -18.17 8.91 -1.25
N LEU A 167 -17.33 8.64 -2.24
CA LEU A 167 -16.76 7.31 -2.34
C LEU A 167 -16.07 6.93 -1.02
N ARG A 168 -15.26 7.83 -0.48
CA ARG A 168 -14.39 7.55 0.65
C ARG A 168 -15.20 7.47 1.96
N MET A 169 -16.18 8.36 2.11
CA MET A 169 -17.14 8.25 3.21
C MET A 169 -17.77 6.84 3.27
N ASN A 170 -18.04 6.27 2.09
CA ASN A 170 -18.70 4.96 2.02
C ASN A 170 -17.80 3.83 2.47
N TYR A 171 -16.54 3.89 2.02
CA TYR A 171 -15.52 2.95 2.44
C TYR A 171 -15.26 3.05 3.93
N ILE A 172 -15.39 4.26 4.49
CA ILE A 172 -15.34 4.41 5.94
C ILE A 172 -16.49 3.63 6.63
N LYS A 173 -17.72 3.81 6.14
CA LYS A 173 -18.89 3.16 6.70
C LYS A 173 -18.76 1.66 6.63
N GLU A 174 -18.26 1.18 5.50
CA GLU A 174 -18.07 -0.26 5.32
C GLU A 174 -17.10 -0.87 6.30
N LEU A 175 -15.99 -0.21 6.53
CA LEU A 175 -15.04 -0.63 7.56
C LEU A 175 -15.70 -0.63 8.93
N ASP A 176 -16.47 0.41 9.20
CA ASP A 176 -17.22 0.52 10.42
C ASP A 176 -18.29 -0.60 10.44
N ARG A 177 -18.83 -0.96 9.28
CA ARG A 177 -19.85 -2.01 9.20
C ARG A 177 -19.23 -3.37 9.55
N ILE A 178 -18.05 -3.65 9.01
N ILE A 178 -18.08 -3.65 8.96
CA ILE A 178 -17.38 -4.93 9.23
CA ILE A 178 -17.34 -4.87 9.21
C ILE A 178 -16.83 -5.07 10.64
C ILE A 178 -17.07 -5.04 10.70
N ILE A 179 -16.66 -3.95 11.35
CA ILE A 179 -16.34 -3.98 12.76
C ILE A 179 -17.56 -4.35 13.64
N ALA A 180 -18.70 -3.69 13.39
CA ALA A 180 -19.95 -3.95 14.11
C ALA A 180 -20.62 -5.32 13.89
N CYS A 181 -20.48 -5.91 12.69
CA CYS A 181 -21.21 -7.16 12.34
C CYS A 181 -21.12 -8.40 13.27
N LYS A 182 -20.26 -8.32 14.28
CA LYS A 182 -20.21 -9.31 15.35
C LYS A 182 -19.49 -8.74 16.56
N ARG A 183 -20.21 -7.95 17.36
CA ARG A 183 -19.66 -7.28 18.55
C ARG A 183 -20.69 -6.89 19.62
N LYS A 184 -20.37 -7.21 20.87
CA LYS A 184 -21.27 -7.01 22.01
C LYS A 184 -21.64 -5.55 22.27
N ASN A 185 -20.88 -4.90 23.15
CA ASN A 185 -21.13 -3.52 23.55
C ASN A 185 -20.27 -2.49 22.74
N PRO A 186 -20.82 -1.28 22.50
CA PRO A 186 -20.15 -0.17 21.75
C PRO A 186 -18.81 0.45 22.31
N THR A 187 -18.33 0.00 23.47
CA THR A 187 -17.00 0.41 23.99
C THR A 187 -15.86 -0.19 23.15
N SER A 188 -16.05 -1.43 22.69
CA SER A 188 -15.05 -2.18 21.94
C SER A 188 -15.08 -1.85 20.45
N CYS A 189 -16.29 -1.61 19.93
CA CYS A 189 -16.52 -1.09 18.57
C CYS A 189 -15.79 0.23 18.37
N SER A 190 -15.83 1.08 19.40
CA SER A 190 -15.11 2.35 19.44
C SER A 190 -13.60 2.13 19.44
N ARG A 191 -13.14 1.31 20.38
CA ARG A 191 -11.71 1.09 20.58
C ARG A 191 -11.16 0.51 19.30
N ARG A 192 -11.85 -0.47 18.76
CA ARG A 192 -11.38 -1.12 17.53
C ARG A 192 -11.24 -0.16 16.34
N PHE A 193 -12.29 0.63 16.11
CA PHE A 193 -12.28 1.63 15.06
C PHE A 193 -11.14 2.63 15.27
N TYR A 194 -10.96 3.06 16.52
CA TYR A 194 -9.79 3.84 16.89
C TYR A 194 -8.51 3.12 16.49
N GLN A 195 -8.31 1.91 17.03
CA GLN A 195 -7.17 1.02 16.67
C GLN A 195 -6.91 0.94 15.16
N LEU A 196 -7.92 0.53 14.39
CA LEU A 196 -7.68 0.36 12.97
C LEU A 196 -7.42 1.69 12.27
N THR A 197 -8.12 2.76 12.67
CA THR A 197 -7.80 4.06 12.03
C THR A 197 -6.36 4.47 12.31
N LYS A 198 -5.89 4.24 13.53
CA LYS A 198 -4.48 4.53 13.82
C LYS A 198 -3.52 3.64 13.02
N LEU A 199 -3.89 2.39 12.87
CA LEU A 199 -3.13 1.49 12.00
C LEU A 199 -3.01 2.04 10.57
N LEU A 200 -4.13 2.38 9.96
CA LEU A 200 -4.08 3.01 8.62
C LEU A 200 -3.19 4.25 8.54
N ASP A 201 -3.38 5.19 9.48
CA ASP A 201 -2.51 6.37 9.53
C ASP A 201 -1.04 5.98 9.46
N SER A 202 -0.66 4.97 10.26
CA SER A 202 0.72 4.55 10.37
C SER A 202 1.36 4.14 9.03
N VAL A 203 0.57 3.78 8.00
CA VAL A 203 1.15 3.44 6.69
C VAL A 203 1.80 4.64 6.02
N GLN A 204 1.25 5.81 6.28
CA GLN A 204 1.64 7.01 5.51
C GLN A 204 3.10 7.46 5.68
N PRO A 205 3.59 7.58 6.92
CA PRO A 205 5.02 7.94 7.14
C PRO A 205 5.99 6.94 6.50
N ILE A 206 5.69 5.66 6.68
CA ILE A 206 6.41 4.58 6.03
C ILE A 206 6.37 4.75 4.52
N ALA A 207 5.21 5.06 3.98
CA ALA A 207 5.09 5.25 2.53
C ALA A 207 5.88 6.47 2.10
N ARG A 208 5.84 7.52 2.94
CA ARG A 208 6.65 8.72 2.69
C ARG A 208 8.14 8.41 2.73
N GLU A 209 8.61 7.59 3.67
CA GLU A 209 10.05 7.22 3.60
C GLU A 209 10.44 6.49 2.32
N LEU A 210 9.50 5.77 1.72
CA LEU A 210 9.90 4.93 0.58
C LEU A 210 9.86 5.76 -0.66
N HIS A 211 9.01 6.76 -0.64
CA HIS A 211 8.96 7.73 -1.73
C HIS A 211 10.32 8.44 -1.83
N GLN A 212 10.79 8.99 -0.69
CA GLN A 212 12.10 9.65 -0.61
C GLN A 212 13.20 8.73 -1.11
N PHE A 213 13.28 7.54 -0.51
CA PHE A 213 14.28 6.54 -0.89
C PHE A 213 14.30 6.28 -2.39
N THR A 214 13.18 5.83 -2.95
CA THR A 214 13.15 5.39 -4.35
C THR A 214 13.36 6.60 -5.32
N PHE A 215 12.87 7.77 -4.93
CA PHE A 215 13.12 8.96 -5.71
C PHE A 215 14.62 9.24 -5.72
N ASP A 216 15.25 9.27 -4.56
CA ASP A 216 16.72 9.36 -4.56
C ASP A 216 17.32 8.30 -5.50
N LEU A 217 16.93 7.05 -5.29
CA LEU A 217 17.51 5.95 -6.02
C LEU A 217 17.40 6.16 -7.54
N LEU A 218 16.26 6.58 -8.04
CA LEU A 218 16.14 6.73 -9.48
C LEU A 218 17.10 7.81 -10.01
N ILE A 219 17.30 8.86 -9.21
CA ILE A 219 18.14 9.97 -9.60
C ILE A 219 19.58 9.51 -9.90
N LYS A 220 20.11 8.66 -9.02
CA LYS A 220 21.44 8.06 -9.25
C LYS A 220 21.41 6.63 -9.78
N SER A 221 20.29 6.26 -10.41
CA SER A 221 20.12 4.91 -10.99
C SER A 221 21.32 4.49 -11.86
N HIS A 222 21.75 5.34 -12.80
CA HIS A 222 22.92 5.08 -13.67
C HIS A 222 24.29 4.84 -12.95
N MET A 223 24.60 5.76 -12.03
CA MET A 223 25.69 5.63 -11.05
C MET A 223 25.77 4.22 -10.49
N VAL A 224 24.66 3.81 -9.87
CA VAL A 224 24.66 2.63 -9.04
C VAL A 224 24.17 1.33 -9.70
N SER A 225 24.02 1.33 -11.03
CA SER A 225 23.57 0.11 -11.75
C SER A 225 22.23 -0.47 -11.31
N VAL A 226 21.17 0.35 -11.25
CA VAL A 226 19.86 -0.11 -10.79
C VAL A 226 18.84 0.21 -11.87
N ASP A 227 18.18 -0.82 -12.37
CA ASP A 227 17.20 -0.65 -13.43
C ASP A 227 15.80 -0.34 -12.87
N PHE A 228 15.17 0.64 -13.50
CA PHE A 228 13.79 0.96 -13.24
C PHE A 228 13.02 0.68 -14.51
N PRO A 229 12.01 -0.22 -14.44
CA PRO A 229 11.11 -0.43 -15.56
C PRO A 229 10.42 0.89 -15.92
N GLU A 230 9.91 0.97 -17.15
CA GLU A 230 9.30 2.20 -17.66
C GLU A 230 8.21 2.81 -16.76
N MET A 231 7.27 2.00 -16.30
CA MET A 231 6.13 2.55 -15.54
C MET A 231 6.60 3.11 -14.22
N MET A 232 7.53 2.41 -13.58
CA MET A 232 8.11 2.79 -12.30
C MET A 232 8.92 4.06 -12.46
N ALA A 233 9.67 4.14 -13.54
CA ALA A 233 10.46 5.32 -13.90
C ALA A 233 9.59 6.54 -14.06
N GLU A 234 8.47 6.37 -14.77
CA GLU A 234 7.58 7.48 -15.06
C GLU A 234 6.77 7.93 -13.82
N ILE A 235 6.26 7.00 -13.02
CA ILE A 235 5.53 7.41 -11.84
C ILE A 235 6.46 8.06 -10.82
N ILE A 236 7.64 7.51 -10.67
CA ILE A 236 8.52 8.05 -9.69
C ILE A 236 9.07 9.43 -10.07
N SER A 237 9.18 9.70 -11.37
CA SER A 237 9.74 10.97 -11.81
C SER A 237 8.67 12.03 -12.05
N VAL A 238 7.39 11.60 -12.11
CA VAL A 238 6.29 12.52 -12.40
C VAL A 238 5.37 12.64 -11.18
N GLN A 239 5.03 11.54 -10.55
CA GLN A 239 4.01 11.61 -9.55
C GLN A 239 4.53 11.69 -8.13
N VAL A 240 5.54 10.89 -7.80
CA VAL A 240 6.21 10.95 -6.48
C VAL A 240 6.67 12.40 -6.12
N PRO A 241 7.33 13.13 -7.07
CA PRO A 241 7.80 14.49 -6.72
C PRO A 241 6.69 15.45 -6.26
N LYS A 242 5.47 15.25 -6.74
N LYS A 242 5.48 15.25 -6.76
CA LYS A 242 4.34 16.03 -6.26
CA LYS A 242 4.31 16.00 -6.30
C LYS A 242 4.05 15.70 -4.82
C LYS A 242 4.07 15.70 -4.84
N ILE A 243 4.31 14.46 -4.43
CA ILE A 243 4.11 14.09 -3.02
C ILE A 243 5.21 14.72 -2.22
N LEU A 244 6.42 14.53 -2.71
CA LEU A 244 7.59 14.97 -1.96
C LEU A 244 7.59 16.51 -1.81
N SER A 245 7.12 17.22 -2.85
CA SER A 245 7.09 18.69 -2.80
C SER A 245 5.86 19.27 -2.13
N GLY A 246 4.99 18.39 -1.58
CA GLY A 246 3.82 18.78 -0.78
C GLY A 246 2.60 19.19 -1.56
N LYS A 247 2.56 18.90 -2.85
CA LYS A 247 1.39 19.22 -3.68
C LYS A 247 0.29 18.17 -3.59
N VAL A 248 0.68 16.96 -3.20
CA VAL A 248 -0.21 15.82 -2.96
C VAL A 248 0.07 15.38 -1.51
N LYS A 249 -0.98 15.21 -0.73
CA LYS A 249 -0.80 14.89 0.70
C LYS A 249 -1.72 13.77 1.10
N PRO A 250 -1.24 12.92 2.04
CA PRO A 250 -2.09 11.86 2.58
C PRO A 250 -3.23 12.41 3.41
N ILE A 251 -4.31 11.65 3.57
CA ILE A 251 -5.40 12.03 4.46
C ILE A 251 -5.25 11.22 5.72
N TYR A 252 -4.98 11.89 6.81
CA TYR A 252 -4.90 11.23 8.10
C TYR A 252 -6.24 11.27 8.81
N PHE A 253 -6.59 10.20 9.49
CA PHE A 253 -7.71 10.25 10.40
C PHE A 253 -7.40 11.13 11.59
N HIS A 254 -6.19 11.03 12.15
CA HIS A 254 -5.78 11.83 13.31
C HIS A 254 -4.54 12.68 12.95
N THR A 255 -4.52 13.91 13.46
CA THR A 255 -3.31 14.75 13.31
C THR A 255 -2.04 14.05 13.82
N GLN A 256 -0.97 14.19 13.04
CA GLN A 256 0.30 13.53 13.31
C GLN A 256 1.00 14.16 14.52
#